data_19HC
#
_entry.id   19HC
#
_cell.length_a   60.380
_cell.length_b   106.070
_cell.length_c   80.620
_cell.angle_alpha   90.00
_cell.angle_beta   103.50
_cell.angle_gamma   90.00
#
_symmetry.space_group_name_H-M   'P 1 21 1'
#
loop_
_entity.id
_entity.type
_entity.pdbx_description
1 polymer 'PROTEIN (NINE-HAEM CYTOCHROME C)'
2 non-polymer 'ACETATE ION'
3 non-polymer 'PROTOPORPHYRIN IX CONTAINING FE'
4 water water
#
_entity_poly.entity_id   1
_entity_poly.type   'polypeptide(L)'
_entity_poly.pdbx_seq_one_letter_code
;AALEPTDSGAPSAIVMFPVGEKPNPKGAAMKPVVFNHLIHEKKIADCETCHHTGDPVSCSTCHTVEGKAEGDYITLDRAM
HATDIAARAKGNTPTSCVSCHQSETKERRECAGCHAITTPKDDEAWCATCHDITPSMTPSEMQKGIAGTLLPGDNEALAA
ETVLAEATVAPVSPMLAPYKVVIDALADKYEPSDFTHRRHLTSLMESIKDDKLAQAFHDKPEILCATCHHRSPLSLTPPK
CGSCHTKEIDAADPGRPNLMAAYHLECMGCHKGMAVARPRDTDCTTCHKAAA
;
_entity_poly.pdbx_strand_id   A,B
#
# COMPACT_ATOMS: atom_id res chain seq x y z
N ALA A 1 -24.96 23.09 -18.60
CA ALA A 1 -24.67 22.18 -17.50
C ALA A 1 -24.67 20.72 -17.94
N ALA A 2 -25.52 20.36 -18.90
CA ALA A 2 -25.59 18.96 -19.35
C ALA A 2 -24.19 18.55 -19.80
N LEU A 3 -23.82 17.29 -19.56
CA LEU A 3 -22.59 16.81 -20.16
C LEU A 3 -22.69 16.88 -21.68
N GLU A 4 -21.55 17.01 -22.36
CA GLU A 4 -21.54 16.94 -23.83
C GLU A 4 -22.07 15.60 -24.32
N PRO A 5 -22.93 15.57 -25.34
CA PRO A 5 -23.43 14.31 -25.89
C PRO A 5 -22.34 13.58 -26.67
N THR A 6 -22.40 12.25 -26.64
CA THR A 6 -21.48 11.48 -27.46
C THR A 6 -21.93 11.42 -28.92
N ASP A 7 -20.98 11.24 -29.82
CA ASP A 7 -21.40 10.92 -31.19
C ASP A 7 -22.01 9.52 -31.24
N SER A 8 -21.56 8.61 -30.38
CA SER A 8 -22.00 7.23 -30.43
C SER A 8 -23.47 7.02 -30.04
N GLY A 9 -24.03 7.82 -29.16
CA GLY A 9 -25.34 7.53 -28.59
C GLY A 9 -25.21 6.79 -27.26
N ALA A 10 -23.98 6.42 -26.84
CA ALA A 10 -23.75 5.93 -25.47
C ALA A 10 -23.92 7.12 -24.53
N PRO A 11 -24.16 6.84 -23.25
CA PRO A 11 -24.28 7.91 -22.27
C PRO A 11 -22.91 8.61 -22.20
N SER A 12 -22.90 9.92 -22.01
CA SER A 12 -21.62 10.65 -21.96
C SER A 12 -20.77 10.13 -20.79
N ALA A 13 -21.42 9.98 -19.65
CA ALA A 13 -20.84 9.42 -18.42
C ALA A 13 -21.89 8.47 -17.84
N ILE A 14 -21.44 7.34 -17.27
CA ILE A 14 -22.39 6.36 -16.76
C ILE A 14 -21.88 5.76 -15.45
N VAL A 15 -22.82 5.64 -14.51
CA VAL A 15 -22.44 4.93 -13.28
C VAL A 15 -22.59 3.42 -13.51
N MET A 16 -21.56 2.67 -13.19
CA MET A 16 -21.43 1.23 -13.33
C MET A 16 -21.53 0.62 -11.94
N PHE A 17 -22.48 -0.30 -11.76
CA PHE A 17 -22.72 -0.85 -10.44
C PHE A 17 -22.32 -2.33 -10.36
N PRO A 18 -22.23 -2.83 -9.14
CA PRO A 18 -21.88 -4.26 -8.96
C PRO A 18 -23.09 -5.17 -9.16
N VAL A 19 -23.38 -5.40 -10.42
CA VAL A 19 -24.52 -6.12 -10.95
C VAL A 19 -24.38 -7.61 -10.73
N GLY A 20 -25.39 -8.23 -10.08
CA GLY A 20 -25.29 -9.68 -9.91
C GLY A 20 -26.67 -10.19 -9.52
N GLU A 21 -26.83 -11.50 -9.29
CA GLU A 21 -28.16 -11.89 -8.81
C GLU A 21 -28.22 -12.18 -7.34
N LYS A 22 -27.11 -12.45 -6.65
CA LYS A 22 -27.17 -12.64 -5.20
C LYS A 22 -27.70 -11.40 -4.49
N PRO A 23 -28.69 -11.51 -3.60
CA PRO A 23 -29.13 -10.32 -2.87
C PRO A 23 -27.98 -9.65 -2.13
N ASN A 24 -28.01 -8.31 -2.13
CA ASN A 24 -26.95 -7.55 -1.48
C ASN A 24 -27.59 -6.34 -0.83
N PRO A 25 -28.48 -6.60 0.12
CA PRO A 25 -29.31 -5.53 0.68
C PRO A 25 -28.55 -4.47 1.44
N LYS A 26 -27.38 -4.81 2.00
CA LYS A 26 -26.58 -3.87 2.75
C LYS A 26 -25.57 -3.14 1.87
N GLY A 27 -25.60 -3.43 0.59
CA GLY A 27 -24.68 -2.83 -0.38
C GLY A 27 -23.21 -3.08 -0.04
N ALA A 28 -22.87 -4.31 0.30
CA ALA A 28 -21.49 -4.72 0.53
C ALA A 28 -20.80 -4.69 -0.83
N ALA A 29 -19.95 -3.68 -1.07
CA ALA A 29 -19.47 -3.48 -2.43
C ALA A 29 -18.44 -2.34 -2.47
N MET A 30 -17.65 -2.26 -3.54
CA MET A 30 -16.86 -1.05 -3.70
C MET A 30 -17.82 0.10 -4.04
N LYS A 31 -17.36 1.34 -3.94
CA LYS A 31 -18.10 2.45 -4.54
C LYS A 31 -18.25 2.14 -6.03
N PRO A 32 -19.41 2.45 -6.58
CA PRO A 32 -19.63 2.37 -8.03
C PRO A 32 -18.63 3.24 -8.76
N VAL A 33 -18.49 2.89 -10.03
CA VAL A 33 -17.54 3.53 -10.93
C VAL A 33 -18.28 4.40 -11.94
N VAL A 34 -17.94 5.68 -11.96
CA VAL A 34 -18.48 6.52 -13.05
C VAL A 34 -17.50 6.53 -14.20
N PHE A 35 -17.93 5.99 -15.32
CA PHE A 35 -17.09 5.88 -16.51
C PHE A 35 -17.40 6.98 -17.51
N ASN A 36 -16.35 7.66 -17.93
CA ASN A 36 -16.55 8.81 -18.83
C ASN A 36 -16.40 8.29 -20.25
N HIS A 37 -17.57 7.86 -20.79
CA HIS A 37 -17.60 7.25 -22.12
C HIS A 37 -17.19 8.26 -23.19
N LEU A 38 -17.62 9.52 -23.01
CA LEU A 38 -17.27 10.59 -23.94
C LEU A 38 -15.76 10.65 -24.20
N ILE A 39 -15.02 10.74 -23.10
CA ILE A 39 -13.55 10.86 -23.18
C ILE A 39 -12.97 9.62 -23.84
N HIS A 40 -13.49 8.47 -23.43
CA HIS A 40 -12.90 7.25 -23.98
C HIS A 40 -13.21 7.06 -25.46
N GLU A 41 -14.45 7.33 -25.89
CA GLU A 41 -14.70 7.06 -27.31
C GLU A 41 -14.01 8.09 -28.19
N LYS A 42 -13.63 9.22 -27.64
CA LYS A 42 -12.91 10.18 -28.49
C LYS A 42 -11.47 9.68 -28.69
N LYS A 43 -10.95 8.90 -27.75
CA LYS A 43 -9.54 8.54 -27.84
C LYS A 43 -9.34 7.17 -28.49
N ILE A 44 -10.26 6.26 -28.22
CA ILE A 44 -10.17 4.89 -28.69
C ILE A 44 -11.16 4.75 -29.85
N ALA A 45 -10.64 4.61 -31.05
CA ALA A 45 -11.47 4.72 -32.25
C ALA A 45 -12.39 3.55 -32.51
N ASP A 46 -12.02 2.36 -32.03
CA ASP A 46 -12.79 1.20 -32.44
C ASP A 46 -13.74 0.79 -31.32
N CYS A 47 -15.07 0.79 -31.56
CA CYS A 47 -15.96 0.45 -30.47
C CYS A 47 -15.70 -0.95 -29.93
N GLU A 48 -15.30 -1.82 -30.85
CA GLU A 48 -15.22 -3.24 -30.53
C GLU A 48 -13.95 -3.56 -29.76
N THR A 49 -13.04 -2.60 -29.66
CA THR A 49 -11.87 -2.84 -28.82
C THR A 49 -12.35 -3.18 -27.42
N CYS A 50 -13.36 -2.40 -27.00
CA CYS A 50 -13.89 -2.64 -25.66
C CYS A 50 -15.08 -3.57 -25.68
N HIS A 51 -16.05 -3.22 -26.53
CA HIS A 51 -17.25 -4.07 -26.60
C HIS A 51 -16.91 -5.27 -27.49
N HIS A 52 -16.12 -6.18 -26.95
CA HIS A 52 -15.35 -7.17 -27.71
C HIS A 52 -16.25 -8.16 -28.43
N THR A 53 -17.48 -8.32 -27.95
CA THR A 53 -18.42 -9.24 -28.61
C THR A 53 -19.11 -8.56 -29.79
N GLY A 54 -18.94 -7.24 -29.95
CA GLY A 54 -19.65 -6.57 -31.03
C GLY A 54 -20.94 -5.91 -30.55
N ASP A 55 -21.46 -6.32 -29.40
CA ASP A 55 -22.71 -5.86 -28.85
C ASP A 55 -22.54 -4.54 -28.09
N PRO A 56 -23.29 -3.51 -28.44
CA PRO A 56 -23.24 -2.25 -27.67
C PRO A 56 -24.08 -2.26 -26.40
N VAL A 57 -23.72 -3.09 -25.43
CA VAL A 57 -24.46 -3.31 -24.19
C VAL A 57 -23.48 -3.24 -22.99
N SER A 58 -24.04 -3.09 -21.81
CA SER A 58 -23.27 -3.07 -20.57
CA SER A 58 -23.25 -3.06 -20.59
C SER A 58 -22.51 -4.37 -20.41
N CYS A 59 -21.22 -4.24 -20.04
CA CYS A 59 -20.42 -5.45 -19.77
C CYS A 59 -21.12 -6.32 -18.74
N SER A 60 -21.80 -5.76 -17.75
CA SER A 60 -22.41 -6.59 -16.71
C SER A 60 -23.63 -7.37 -17.20
N THR A 61 -24.12 -7.12 -18.40
CA THR A 61 -25.15 -8.02 -18.94
C THR A 61 -24.60 -9.45 -19.06
N CYS A 62 -23.28 -9.61 -19.18
CA CYS A 62 -22.63 -10.91 -19.28
C CYS A 62 -21.66 -11.21 -18.15
N HIS A 63 -21.01 -10.14 -17.67
CA HIS A 63 -20.04 -10.30 -16.59
C HIS A 63 -20.61 -9.78 -15.26
N THR A 64 -21.34 -10.63 -14.55
CA THR A 64 -21.96 -10.24 -13.28
C THR A 64 -20.98 -10.56 -12.17
N VAL A 65 -21.26 -10.11 -10.95
CA VAL A 65 -20.35 -10.35 -9.86
C VAL A 65 -20.00 -11.82 -9.69
N GLU A 66 -21.02 -12.67 -9.79
CA GLU A 66 -20.81 -14.10 -9.60
C GLU A 66 -20.51 -14.83 -10.90
N GLY A 67 -20.78 -14.24 -12.05
CA GLY A 67 -20.43 -14.95 -13.28
C GLY A 67 -21.69 -15.65 -13.79
N LYS A 68 -21.87 -15.68 -15.10
CA LYS A 68 -23.05 -16.25 -15.74
C LYS A 68 -22.66 -16.78 -17.10
N ALA A 69 -23.44 -17.72 -17.65
CA ALA A 69 -22.92 -18.38 -18.85
C ALA A 69 -22.74 -17.41 -19.99
N GLU A 70 -23.50 -16.31 -20.03
CA GLU A 70 -23.32 -15.43 -21.20
C GLU A 70 -21.91 -14.84 -21.24
N GLY A 71 -21.29 -14.75 -20.07
CA GLY A 71 -19.93 -14.20 -20.06
C GLY A 71 -18.89 -15.29 -19.85
N ASP A 72 -19.30 -16.52 -20.18
CA ASP A 72 -18.47 -17.69 -19.89
C ASP A 72 -18.00 -17.73 -18.45
N TYR A 73 -18.84 -17.24 -17.55
CA TYR A 73 -18.59 -17.24 -16.12
C TYR A 73 -17.37 -16.42 -15.71
N ILE A 74 -16.93 -15.58 -16.65
CA ILE A 74 -15.90 -14.60 -16.33
CA ILE A 74 -15.88 -14.63 -16.27
C ILE A 74 -16.56 -13.54 -15.46
N THR A 75 -16.11 -13.26 -14.27
CA THR A 75 -16.83 -12.33 -13.40
C THR A 75 -16.59 -10.85 -13.73
N LEU A 76 -17.44 -10.02 -13.13
CA LEU A 76 -17.25 -8.58 -13.20
C LEU A 76 -15.85 -8.19 -12.74
N ASP A 77 -15.42 -8.74 -11.61
CA ASP A 77 -14.05 -8.48 -11.10
C ASP A 77 -13.00 -8.75 -12.17
N ARG A 78 -13.09 -9.94 -12.79
CA ARG A 78 -12.10 -10.29 -13.79
C ARG A 78 -12.18 -9.39 -15.02
N ALA A 79 -13.40 -9.13 -15.47
CA ALA A 79 -13.55 -8.38 -16.73
C ALA A 79 -13.03 -6.95 -16.56
N MET A 80 -13.16 -6.39 -15.35
CA MET A 80 -12.76 -4.97 -15.20
C MET A 80 -11.30 -4.80 -14.86
N HIS A 81 -10.69 -5.78 -14.19
CA HIS A 81 -9.36 -5.65 -13.65
C HIS A 81 -8.28 -6.58 -14.22
N ALA A 82 -8.66 -7.52 -15.09
CA ALA A 82 -7.71 -8.55 -15.53
C ALA A 82 -6.42 -7.96 -16.07
N THR A 83 -5.29 -8.48 -15.59
CA THR A 83 -4.03 -7.95 -16.07
C THR A 83 -3.38 -8.92 -17.06
N ASP A 84 -3.81 -10.19 -17.01
CA ASP A 84 -3.12 -11.21 -17.81
C ASP A 84 -4.08 -11.81 -18.80
N ILE A 85 -4.37 -11.07 -19.87
CA ILE A 85 -5.37 -11.54 -20.82
C ILE A 85 -4.74 -12.27 -22.00
N ALA A 86 -5.09 -13.55 -22.17
CA ALA A 86 -4.51 -14.32 -23.26
C ALA A 86 -4.97 -13.84 -24.64
N ALA A 87 -4.02 -13.76 -25.57
CA ALA A 87 -4.35 -13.41 -26.96
C ALA A 87 -5.21 -14.51 -27.58
N ARG A 88 -6.37 -14.14 -28.10
CA ARG A 88 -7.27 -15.10 -28.72
C ARG A 88 -6.74 -15.43 -30.11
N ALA A 89 -6.56 -16.71 -30.39
CA ALA A 89 -6.08 -17.18 -31.69
C ALA A 89 -7.00 -16.69 -32.82
N LYS A 90 -8.29 -16.70 -32.52
CA LYS A 90 -9.35 -16.29 -33.42
C LYS A 90 -10.21 -15.18 -32.83
N GLY A 91 -10.48 -14.12 -33.60
CA GLY A 91 -11.41 -13.09 -33.18
C GLY A 91 -10.79 -12.10 -32.22
N ASN A 92 -11.63 -11.47 -31.40
CA ASN A 92 -11.21 -10.38 -30.52
C ASN A 92 -10.55 -10.89 -29.25
N THR A 93 -9.51 -10.17 -28.86
CA THR A 93 -8.95 -10.33 -27.52
C THR A 93 -9.55 -9.21 -26.66
N PRO A 94 -10.32 -9.59 -25.65
CA PRO A 94 -10.89 -8.57 -24.77
C PRO A 94 -9.81 -7.76 -24.06
N THR A 95 -10.28 -6.58 -23.63
CA THR A 95 -9.49 -5.70 -22.76
C THR A 95 -10.26 -5.49 -21.45
N SER A 96 -9.50 -5.22 -20.39
CA SER A 96 -10.12 -4.73 -19.16
C SER A 96 -9.76 -3.25 -18.99
N CYS A 97 -10.39 -2.60 -18.00
CA CYS A 97 -9.99 -1.22 -17.70
C CYS A 97 -8.50 -1.21 -17.36
N VAL A 98 -8.12 -2.13 -16.46
CA VAL A 98 -6.73 -2.08 -15.96
C VAL A 98 -5.76 -2.45 -17.04
N SER A 99 -6.12 -3.44 -17.87
CA SER A 99 -5.14 -3.91 -18.85
C SER A 99 -4.86 -2.91 -19.95
N CYS A 100 -5.89 -2.17 -20.39
CA CYS A 100 -5.66 -1.17 -21.41
C CYS A 100 -4.84 -0.02 -20.85
N HIS A 101 -5.18 0.43 -19.64
CA HIS A 101 -4.39 1.50 -19.04
C HIS A 101 -2.93 1.10 -18.88
N GLN A 102 -2.70 -0.15 -18.47
N GLN A 102 -2.71 -0.20 -18.67
CA GLN A 102 -1.32 -0.53 -18.24
CA GLN A 102 -1.36 -0.74 -18.54
C GLN A 102 -0.59 -0.55 -19.58
C GLN A 102 -0.63 -0.75 -19.86
N SER A 103 -1.28 -0.98 -20.63
N SER A 103 -1.37 -0.99 -20.95
CA SER A 103 -0.70 -0.95 -21.97
CA SER A 103 -0.72 -0.95 -22.26
C SER A 103 -0.20 0.45 -22.35
C SER A 103 -0.29 0.46 -22.60
N GLU A 104 -1.02 1.46 -22.10
CA GLU A 104 -0.68 2.85 -22.40
C GLU A 104 0.70 3.18 -21.79
N THR A 105 0.90 2.73 -20.54
CA THR A 105 2.14 3.05 -19.81
C THR A 105 3.35 2.37 -20.47
N LYS A 106 3.15 1.23 -21.11
CA LYS A 106 4.29 0.49 -21.68
C LYS A 106 4.55 0.84 -23.13
N GLU A 107 3.47 1.15 -23.85
CA GLU A 107 3.64 1.34 -25.29
C GLU A 107 3.86 2.77 -25.74
N ARG A 108 3.73 3.75 -24.88
CA ARG A 108 3.85 5.16 -25.24
C ARG A 108 5.17 5.68 -24.65
N ARG A 109 6.02 6.21 -25.51
CA ARG A 109 7.39 6.52 -25.10
C ARG A 109 7.42 7.48 -23.93
N GLU A 110 6.50 8.45 -23.91
CA GLU A 110 6.53 9.41 -22.79
C GLU A 110 6.19 8.79 -21.43
N CYS A 111 5.51 7.65 -21.45
CA CYS A 111 5.10 6.98 -20.21
C CYS A 111 6.11 5.85 -19.87
N ALA A 112 6.70 5.22 -20.88
CA ALA A 112 7.41 3.96 -20.70
C ALA A 112 8.79 4.08 -20.03
N GLY A 113 9.30 5.28 -19.87
CA GLY A 113 10.55 5.50 -19.15
C GLY A 113 10.34 5.36 -17.65
N CYS A 114 9.49 6.24 -17.10
CA CYS A 114 9.16 6.08 -15.69
C CYS A 114 8.55 4.70 -15.45
N HIS A 115 7.66 4.25 -16.34
CA HIS A 115 6.93 3.00 -16.07
C HIS A 115 7.77 1.75 -16.28
N ALA A 116 8.97 1.93 -16.81
CA ALA A 116 9.98 0.87 -16.81
C ALA A 116 10.57 0.67 -15.42
N ILE A 117 10.52 1.68 -14.56
CA ILE A 117 11.19 1.54 -13.27
C ILE A 117 10.26 1.74 -12.08
N THR A 118 9.00 2.09 -12.32
CA THR A 118 8.15 2.39 -11.14
C THR A 118 7.98 1.19 -10.22
N THR A 119 7.76 1.45 -8.94
CA THR A 119 7.37 0.40 -8.00
C THR A 119 5.83 0.44 -7.94
N PRO A 120 5.19 -0.58 -8.49
CA PRO A 120 3.75 -0.55 -8.65
C PRO A 120 3.09 -0.40 -7.27
N LYS A 121 2.06 0.44 -7.25
CA LYS A 121 1.28 0.58 -6.04
C LYS A 121 -0.20 0.45 -6.34
N ASP A 122 -0.84 -0.66 -5.94
CA ASP A 122 -2.30 -0.69 -6.21
C ASP A 122 -3.07 -0.52 -4.90
N ASP A 123 -2.95 0.64 -4.27
CA ASP A 123 -3.48 0.90 -2.94
C ASP A 123 -4.84 1.57 -3.03
N GLU A 124 -5.39 2.00 -1.87
CA GLU A 124 -6.73 2.56 -1.93
C GLU A 124 -6.84 3.73 -2.88
N ALA A 125 -5.79 4.57 -2.98
CA ALA A 125 -5.97 5.70 -3.90
C ALA A 125 -6.02 5.26 -5.37
N TRP A 126 -5.36 4.15 -5.69
CA TRP A 126 -5.44 3.55 -7.01
C TRP A 126 -6.88 3.09 -7.22
N CYS A 127 -7.48 2.28 -6.34
CA CYS A 127 -8.86 1.85 -6.55
C CYS A 127 -9.81 3.06 -6.72
N ALA A 128 -9.58 4.11 -5.96
CA ALA A 128 -10.51 5.23 -5.83
C ALA A 128 -10.52 6.08 -7.08
N THR A 129 -9.47 5.93 -7.91
CA THR A 129 -9.44 6.69 -9.16
C THR A 129 -10.64 6.27 -10.01
N CYS A 130 -11.02 5.00 -9.91
CA CYS A 130 -12.21 4.55 -10.65
C CYS A 130 -13.41 4.43 -9.72
N HIS A 131 -13.20 3.88 -8.54
CA HIS A 131 -14.28 3.68 -7.56
C HIS A 131 -14.53 5.00 -6.86
N ASP A 132 -15.28 5.86 -7.55
CA ASP A 132 -15.24 7.30 -7.49
C ASP A 132 -16.60 8.01 -7.42
N ILE A 133 -17.68 7.35 -7.13
CA ILE A 133 -19.02 7.96 -7.03
C ILE A 133 -19.18 9.20 -6.16
N THR A 134 -20.10 10.10 -6.58
CA THR A 134 -20.54 11.21 -5.74
C THR A 134 -21.12 10.73 -4.42
N PRO A 135 -20.82 11.45 -3.34
CA PRO A 135 -21.36 11.15 -2.01
C PRO A 135 -22.87 11.32 -1.94
N SER A 136 -23.48 11.87 -2.98
CA SER A 136 -24.92 12.12 -3.05
C SER A 136 -25.76 10.90 -3.36
N MET A 137 -25.11 9.84 -3.86
CA MET A 137 -25.89 8.63 -4.12
C MET A 137 -26.35 8.04 -2.79
N THR A 138 -27.61 7.62 -2.72
CA THR A 138 -28.15 6.98 -1.52
C THR A 138 -28.08 5.46 -1.59
N PRO A 139 -28.21 4.80 -0.44
CA PRO A 139 -28.21 3.33 -0.43
C PRO A 139 -29.29 2.75 -1.32
N SER A 140 -30.42 3.47 -1.30
CA SER A 140 -31.56 3.10 -2.11
C SER A 140 -31.22 3.14 -3.60
N GLU A 141 -30.46 4.16 -3.99
CA GLU A 141 -30.01 4.29 -5.36
C GLU A 141 -28.99 3.21 -5.70
N MET A 142 -28.14 2.90 -4.70
CA MET A 142 -27.17 1.81 -4.87
C MET A 142 -27.91 0.51 -5.09
N GLN A 143 -28.99 0.33 -4.30
CA GLN A 143 -29.78 -0.86 -4.56
C GLN A 143 -30.38 -0.88 -5.96
N LYS A 144 -30.91 0.25 -6.41
CA LYS A 144 -31.52 0.21 -7.75
C LYS A 144 -30.47 -0.02 -8.82
N GLY A 145 -29.24 0.48 -8.60
CA GLY A 145 -28.24 0.17 -9.63
C GLY A 145 -27.87 -1.28 -9.69
N ILE A 146 -27.77 -1.91 -8.51
CA ILE A 146 -27.44 -3.32 -8.45
C ILE A 146 -28.52 -4.17 -9.15
N ALA A 147 -29.77 -3.77 -8.92
CA ALA A 147 -31.00 -4.40 -9.41
C ALA A 147 -31.34 -4.04 -10.84
N GLY A 148 -30.67 -3.06 -11.44
CA GLY A 148 -30.89 -2.71 -12.84
C GLY A 148 -32.14 -1.84 -12.96
N THR A 149 -32.65 -1.38 -11.83
CA THR A 149 -33.89 -0.61 -11.83
C THR A 149 -33.71 0.88 -11.67
N LEU A 150 -32.46 1.32 -11.54
CA LEU A 150 -32.25 2.77 -11.43
C LEU A 150 -32.73 3.37 -12.74
N LEU A 151 -33.44 4.49 -12.66
CA LEU A 151 -33.91 5.09 -13.92
C LEU A 151 -32.75 5.80 -14.62
N PRO A 152 -32.71 5.78 -15.94
CA PRO A 152 -31.53 6.31 -16.66
C PRO A 152 -31.27 7.77 -16.29
N GLY A 153 -32.33 8.52 -15.98
CA GLY A 153 -32.22 9.90 -15.55
C GLY A 153 -31.43 10.05 -14.27
N ASP A 154 -31.59 9.09 -13.37
CA ASP A 154 -30.92 9.20 -12.07
C ASP A 154 -29.46 8.77 -12.25
N ASN A 155 -29.31 7.78 -13.14
CA ASN A 155 -27.92 7.37 -13.46
C ASN A 155 -27.20 8.58 -14.04
N GLU A 156 -27.77 9.27 -15.03
CA GLU A 156 -27.21 10.49 -15.59
C GLU A 156 -26.85 11.53 -14.53
N ALA A 157 -27.82 11.80 -13.66
CA ALA A 157 -27.64 12.84 -12.67
C ALA A 157 -26.45 12.50 -11.77
N LEU A 158 -26.36 11.25 -11.34
CA LEU A 158 -25.28 10.82 -10.43
C LEU A 158 -23.94 10.91 -11.18
N ALA A 159 -23.98 10.45 -12.44
CA ALA A 159 -22.77 10.48 -13.24
C ALA A 159 -22.27 11.88 -13.46
N ALA A 160 -23.19 12.77 -13.87
CA ALA A 160 -22.78 14.15 -14.13
C ALA A 160 -22.25 14.84 -12.89
N GLU A 161 -22.94 14.58 -11.78
CA GLU A 161 -22.55 15.23 -10.53
C GLU A 161 -21.12 14.79 -10.20
N THR A 162 -20.92 13.50 -10.40
CA THR A 162 -19.59 12.97 -10.07
C THR A 162 -18.53 13.60 -10.96
N VAL A 163 -18.72 13.56 -12.28
CA VAL A 163 -17.73 14.09 -13.21
C VAL A 163 -17.47 15.58 -12.94
N LEU A 164 -18.57 16.32 -12.74
CA LEU A 164 -18.42 17.76 -12.51
C LEU A 164 -17.61 18.01 -11.24
N ALA A 165 -17.69 17.14 -10.24
CA ALA A 165 -16.97 17.33 -8.99
C ALA A 165 -15.54 16.77 -8.99
N GLU A 166 -15.08 16.09 -10.05
CA GLU A 166 -13.72 15.59 -10.04
C GLU A 166 -12.72 16.73 -10.15
N ALA A 167 -11.59 16.58 -9.43
CA ALA A 167 -10.53 17.57 -9.70
C ALA A 167 -9.17 16.86 -9.82
N THR A 168 -8.41 17.32 -10.78
CA THR A 168 -7.10 16.76 -11.12
C THR A 168 -6.08 17.26 -10.10
N VAL A 169 -5.30 16.35 -9.51
CA VAL A 169 -4.28 16.82 -8.56
C VAL A 169 -3.12 17.40 -9.33
N ALA A 170 -2.59 18.53 -8.83
CA ALA A 170 -1.47 19.11 -9.58
C ALA A 170 -0.15 18.58 -9.01
N PRO A 171 0.75 18.11 -9.86
CA PRO A 171 2.04 17.62 -9.39
C PRO A 171 2.84 18.77 -8.79
N VAL A 172 3.60 18.51 -7.73
CA VAL A 172 4.43 19.59 -7.19
C VAL A 172 5.38 20.09 -8.26
N SER A 173 5.71 21.38 -8.18
CA SER A 173 6.68 21.96 -9.10
C SER A 173 8.08 21.35 -8.90
N PRO A 174 8.77 21.11 -10.01
CA PRO A 174 10.18 20.70 -9.96
C PRO A 174 11.06 21.73 -9.27
N MET A 175 10.58 22.96 -9.12
CA MET A 175 11.34 23.97 -8.38
C MET A 175 11.44 23.68 -6.90
N LEU A 176 10.57 22.81 -6.41
CA LEU A 176 10.60 22.52 -4.98
C LEU A 176 11.54 21.34 -4.70
N ALA A 177 12.25 20.85 -5.70
CA ALA A 177 13.19 19.72 -5.52
C ALA A 177 14.56 20.17 -6.05
N PRO A 178 15.64 19.44 -5.80
CA PRO A 178 16.97 19.97 -6.15
C PRO A 178 17.14 20.35 -7.61
N TYR A 179 17.91 21.44 -7.83
CA TYR A 179 18.25 21.78 -9.22
C TYR A 179 19.17 20.72 -9.84
N LYS A 180 20.26 20.41 -9.13
CA LYS A 180 21.10 19.27 -9.45
C LYS A 180 21.45 18.53 -8.17
N VAL A 181 21.85 17.27 -8.33
CA VAL A 181 22.38 16.52 -7.21
C VAL A 181 23.71 15.89 -7.64
N VAL A 182 24.71 16.22 -6.83
CA VAL A 182 26.05 15.71 -7.10
C VAL A 182 26.16 14.36 -6.39
N ILE A 183 25.97 13.30 -7.20
CA ILE A 183 25.98 11.95 -6.65
C ILE A 183 27.40 11.47 -6.54
N ASP A 184 27.89 11.46 -5.29
CA ASP A 184 29.31 11.17 -5.07
C ASP A 184 29.53 10.14 -3.97
N ALA A 185 28.46 9.43 -3.61
CA ALA A 185 28.53 8.43 -2.56
C ALA A 185 29.66 7.42 -2.78
N LEU A 186 29.83 7.02 -4.05
CA LEU A 186 30.73 5.94 -4.37
C LEU A 186 32.01 6.39 -5.08
N ALA A 187 32.19 7.68 -5.29
CA ALA A 187 33.20 8.24 -6.18
C ALA A 187 34.56 7.61 -5.97
N ASP A 188 35.12 7.05 -7.03
CA ASP A 188 36.36 6.30 -6.94
C ASP A 188 36.99 6.24 -8.33
N LYS A 189 36.46 5.37 -9.18
CA LYS A 189 37.04 5.35 -10.54
C LYS A 189 36.57 6.50 -11.39
N TYR A 190 35.40 7.06 -11.07
CA TYR A 190 34.92 8.25 -11.77
C TYR A 190 34.69 9.42 -10.81
N GLU A 191 34.55 10.60 -11.38
CA GLU A 191 34.13 11.81 -10.68
C GLU A 191 32.64 11.67 -10.35
N PRO A 192 32.05 12.54 -9.55
CA PRO A 192 30.62 12.36 -9.22
C PRO A 192 29.75 12.42 -10.46
N SER A 193 28.54 11.83 -10.31
CA SER A 193 27.56 12.03 -11.39
C SER A 193 26.75 13.28 -11.08
N ASP A 194 26.89 14.30 -11.92
CA ASP A 194 26.18 15.57 -11.67
C ASP A 194 24.79 15.51 -12.27
N PHE A 195 23.91 14.91 -11.48
CA PHE A 195 22.59 14.56 -12.04
C PHE A 195 21.75 15.80 -12.22
N THR A 196 21.23 15.98 -13.42
CA THR A 196 20.40 17.15 -13.70
C THR A 196 18.98 16.90 -13.20
N HIS A 197 18.82 16.85 -11.89
CA HIS A 197 17.55 16.50 -11.24
C HIS A 197 16.39 17.31 -11.77
N ARG A 198 16.44 18.65 -11.73
CA ARG A 198 15.30 19.45 -12.19
C ARG A 198 15.05 19.36 -13.67
N ARG A 199 16.10 19.33 -14.47
CA ARG A 199 16.01 19.19 -15.92
C ARG A 199 15.24 17.90 -16.26
N HIS A 200 15.60 16.84 -15.53
CA HIS A 200 14.98 15.53 -15.72
C HIS A 200 13.48 15.59 -15.38
N LEU A 201 13.18 16.01 -14.15
CA LEU A 201 11.78 15.91 -13.76
C LEU A 201 10.95 16.88 -14.61
N THR A 202 11.51 18.03 -14.96
CA THR A 202 10.73 19.00 -15.75
C THR A 202 10.36 18.40 -17.10
N SER A 203 11.35 17.76 -17.72
CA SER A 203 11.17 17.20 -19.06
C SER A 203 10.13 16.08 -19.05
N LEU A 204 10.24 15.23 -18.05
CA LEU A 204 9.34 14.09 -17.92
C LEU A 204 7.91 14.55 -17.70
N MET A 205 7.80 15.60 -16.90
CA MET A 205 6.47 16.17 -16.62
C MET A 205 5.90 16.84 -17.87
N GLU A 206 6.77 17.54 -18.61
CA GLU A 206 6.21 18.33 -19.73
CA GLU A 206 6.28 18.31 -19.76
C GLU A 206 5.55 17.40 -20.75
N SER A 207 6.15 16.24 -20.99
CA SER A 207 5.60 15.35 -22.01
C SER A 207 4.26 14.74 -21.60
N ILE A 208 3.82 14.85 -20.35
CA ILE A 208 2.55 14.21 -19.96
C ILE A 208 1.59 15.20 -19.33
N LYS A 209 1.91 16.49 -19.46
CA LYS A 209 1.23 17.54 -18.71
C LYS A 209 -0.26 17.61 -19.02
N ASP A 210 -0.66 17.16 -20.21
CA ASP A 210 -2.10 17.25 -20.48
C ASP A 210 -2.77 15.89 -20.65
N ASP A 211 -2.06 14.82 -20.30
CA ASP A 211 -2.61 13.48 -20.48
C ASP A 211 -3.60 13.11 -19.39
N LYS A 212 -4.85 12.87 -19.81
CA LYS A 212 -5.93 12.65 -18.87
C LYS A 212 -5.79 11.36 -18.06
N LEU A 213 -5.24 10.32 -18.67
CA LEU A 213 -5.05 9.07 -17.92
C LEU A 213 -3.96 9.25 -16.86
N ALA A 214 -2.80 9.80 -17.26
CA ALA A 214 -1.78 10.09 -16.23
C ALA A 214 -2.30 11.02 -15.16
N GLN A 215 -2.95 12.12 -15.55
CA GLN A 215 -3.49 13.05 -14.55
C GLN A 215 -4.41 12.38 -13.54
N ALA A 216 -5.26 11.46 -13.95
CA ALA A 216 -6.17 10.80 -13.00
C ALA A 216 -5.45 9.87 -12.03
N PHE A 217 -4.46 9.11 -12.48
CA PHE A 217 -3.77 8.16 -11.60
C PHE A 217 -2.53 8.72 -10.92
N HIS A 218 -1.97 9.82 -11.42
CA HIS A 218 -0.89 10.48 -10.68
C HIS A 218 -1.60 11.40 -9.69
N ASP A 219 -2.08 10.78 -8.61
CA ASP A 219 -3.13 11.46 -7.86
C ASP A 219 -2.76 11.86 -6.45
N LYS A 220 -1.47 12.05 -6.20
CA LYS A 220 -0.96 12.75 -5.03
C LYS A 220 0.07 13.77 -5.57
N PRO A 221 0.18 14.93 -4.95
CA PRO A 221 1.04 15.97 -5.51
C PRO A 221 2.49 15.53 -5.61
N GLU A 222 2.97 14.68 -4.70
CA GLU A 222 4.38 14.29 -4.79
C GLU A 222 4.60 12.95 -5.44
N ILE A 223 3.55 12.43 -6.08
CA ILE A 223 3.63 11.04 -6.53
C ILE A 223 4.74 10.79 -7.54
N LEU A 224 5.02 11.70 -8.46
CA LEU A 224 6.07 11.43 -9.42
C LEU A 224 7.46 11.31 -8.77
N CYS A 225 7.59 11.84 -7.57
CA CYS A 225 8.91 11.73 -6.94
C CYS A 225 9.16 10.25 -6.61
N ALA A 226 8.10 9.48 -6.38
CA ALA A 226 8.29 8.06 -6.03
C ALA A 226 8.82 7.24 -7.20
N THR A 227 8.80 7.79 -8.39
CA THR A 227 9.30 7.09 -9.57
C THR A 227 10.73 6.61 -9.24
N CYS A 228 11.51 7.49 -8.61
CA CYS A 228 12.91 7.15 -8.28
C CYS A 228 13.06 6.94 -6.79
N HIS A 229 12.41 7.82 -6.02
CA HIS A 229 12.43 7.71 -4.56
C HIS A 229 11.31 6.78 -4.12
N HIS A 230 11.51 5.49 -4.38
CA HIS A 230 10.49 4.50 -4.14
C HIS A 230 10.53 3.96 -2.71
N ARG A 231 9.45 3.29 -2.32
CA ARG A 231 9.38 2.49 -1.11
C ARG A 231 9.62 3.34 0.13
N SER A 232 9.27 4.63 0.03
CA SER A 232 9.28 5.50 1.20
C SER A 232 8.18 6.55 1.12
N PRO A 233 7.73 7.10 2.22
CA PRO A 233 6.58 8.02 2.15
C PRO A 233 6.84 9.16 1.21
N LEU A 234 5.79 9.59 0.48
CA LEU A 234 5.99 10.78 -0.35
C LEU A 234 6.48 11.92 0.52
N SER A 235 7.51 12.57 -0.01
CA SER A 235 8.21 13.58 0.76
C SER A 235 9.02 14.53 -0.11
N LEU A 236 9.22 15.76 0.36
CA LEU A 236 10.10 16.66 -0.38
C LEU A 236 11.56 16.36 0.00
N THR A 237 11.79 15.61 1.07
CA THR A 237 13.18 15.28 1.39
C THR A 237 13.34 13.79 1.65
N PRO A 238 13.22 12.98 0.61
CA PRO A 238 13.23 11.53 0.81
C PRO A 238 14.60 11.03 1.25
N PRO A 239 14.68 9.86 1.82
CA PRO A 239 15.96 9.30 2.24
C PRO A 239 16.86 9.04 1.02
N LYS A 240 18.17 9.00 1.28
CA LYS A 240 19.12 8.77 0.19
C LYS A 240 19.10 7.30 -0.23
N CYS A 241 19.43 7.04 -1.49
CA CYS A 241 19.39 5.65 -2.00
C CYS A 241 20.23 4.75 -1.08
N GLY A 242 21.34 5.31 -0.64
CA GLY A 242 22.33 4.59 0.13
C GLY A 242 21.88 4.32 1.55
N SER A 243 20.73 4.80 1.99
CA SER A 243 20.22 4.42 3.31
CA SER A 243 20.22 4.41 3.29
C SER A 243 19.66 3.01 3.20
N CYS A 244 19.15 2.64 2.01
CA CYS A 244 18.61 1.30 1.86
C CYS A 244 19.45 0.39 0.99
N HIS A 245 20.28 0.98 0.13
CA HIS A 245 21.09 0.18 -0.77
C HIS A 245 22.56 0.28 -0.34
N THR A 246 23.01 -0.83 0.24
CA THR A 246 24.37 -0.78 0.80
C THR A 246 25.42 -0.75 -0.31
N LYS A 247 26.61 -0.18 -0.06
CA LYS A 247 27.63 -0.24 -1.14
C LYS A 247 28.03 -1.67 -1.44
N GLU A 248 28.23 -2.51 -0.44
CA GLU A 248 28.56 -3.90 -0.66
C GLU A 248 27.36 -4.82 -0.66
N ILE A 249 27.65 -6.09 -0.92
CA ILE A 249 26.72 -7.20 -0.90
C ILE A 249 25.90 -7.20 0.38
N ASP A 250 24.60 -7.36 0.21
CA ASP A 250 23.65 -7.46 1.32
C ASP A 250 22.79 -8.71 1.17
N ALA A 251 23.32 -9.85 1.59
CA ALA A 251 22.60 -11.11 1.44
C ALA A 251 21.35 -11.19 2.32
N ALA A 252 21.21 -10.32 3.33
CA ALA A 252 19.96 -10.35 4.09
C ALA A 252 18.85 -9.70 3.30
N ASP A 253 19.20 -8.95 2.26
CA ASP A 253 18.20 -8.29 1.40
C ASP A 253 18.48 -8.67 -0.06
N PRO A 254 18.30 -9.94 -0.37
CA PRO A 254 18.70 -10.47 -1.68
C PRO A 254 18.14 -9.70 -2.87
N GLY A 255 16.96 -9.11 -2.73
CA GLY A 255 16.30 -8.38 -3.80
C GLY A 255 16.79 -6.96 -4.02
N ARG A 256 17.58 -6.41 -3.11
CA ARG A 256 18.08 -5.06 -3.22
C ARG A 256 19.46 -5.06 -3.87
N PRO A 257 19.56 -4.35 -4.97
CA PRO A 257 20.86 -4.16 -5.61
C PRO A 257 21.79 -3.36 -4.71
N ASN A 258 23.12 -3.64 -4.80
CA ASN A 258 24.03 -2.75 -4.08
C ASN A 258 24.01 -1.35 -4.69
N LEU A 259 24.59 -0.36 -4.03
CA LEU A 259 24.32 1.02 -4.42
C LEU A 259 24.75 1.31 -5.84
N MET A 260 25.89 0.82 -6.33
CA MET A 260 26.23 1.14 -7.72
C MET A 260 25.18 0.63 -8.69
N ALA A 261 24.80 -0.63 -8.44
CA ALA A 261 23.85 -1.31 -9.31
C ALA A 261 22.49 -0.62 -9.18
N ALA A 262 22.19 -0.11 -7.99
CA ALA A 262 20.91 0.61 -7.84
C ALA A 262 20.87 1.80 -8.79
N TYR A 263 21.91 2.62 -8.82
CA TYR A 263 21.93 3.80 -9.68
C TYR A 263 21.91 3.33 -11.14
N HIS A 264 22.79 2.38 -11.49
CA HIS A 264 22.85 1.93 -12.88
C HIS A 264 21.50 1.36 -13.33
N LEU A 265 20.91 0.50 -12.51
CA LEU A 265 19.66 -0.12 -12.98
C LEU A 265 18.55 0.91 -13.11
N GLU A 266 18.52 1.87 -12.17
CA GLU A 266 17.39 2.81 -12.22
C GLU A 266 17.60 3.84 -13.33
N CYS A 267 18.78 4.46 -13.38
CA CYS A 267 19.05 5.46 -14.41
C CYS A 267 18.96 4.83 -15.80
N MET A 268 19.65 3.74 -16.05
CA MET A 268 19.64 3.10 -17.36
C MET A 268 18.30 2.45 -17.67
N GLY A 269 17.58 2.04 -16.63
CA GLY A 269 16.28 1.40 -16.85
C GLY A 269 15.30 2.35 -17.50
N CYS A 270 15.26 3.60 -17.02
CA CYS A 270 14.36 4.55 -17.70
C CYS A 270 14.89 4.96 -19.08
N HIS A 271 16.21 5.14 -19.16
CA HIS A 271 16.78 5.56 -20.45
C HIS A 271 16.42 4.54 -21.54
N LYS A 272 16.51 3.27 -21.19
CA LYS A 272 16.13 2.21 -22.14
C LYS A 272 14.63 2.26 -22.38
N GLY A 273 13.83 2.38 -21.33
CA GLY A 273 12.38 2.39 -21.40
C GLY A 273 11.87 3.43 -22.39
N MET A 274 12.47 4.61 -22.40
CA MET A 274 11.95 5.66 -23.27
C MET A 274 12.91 6.02 -24.39
N ALA A 275 13.76 5.06 -24.73
CA ALA A 275 14.69 5.10 -25.84
C ALA A 275 15.50 6.39 -25.89
N VAL A 276 16.16 6.69 -24.76
CA VAL A 276 16.99 7.89 -24.68
C VAL A 276 18.22 7.68 -25.54
N ALA A 277 18.50 8.61 -26.44
CA ALA A 277 19.61 8.40 -27.37
C ALA A 277 20.98 8.57 -26.72
N ARG A 278 21.09 9.46 -25.75
CA ARG A 278 22.36 9.79 -25.12
C ARG A 278 22.15 10.17 -23.65
N PRO A 279 22.83 9.56 -22.69
CA PRO A 279 23.83 8.53 -22.87
C PRO A 279 23.31 7.14 -23.11
N ARG A 280 24.08 6.40 -23.92
CA ARG A 280 23.87 4.97 -24.05
C ARG A 280 24.38 4.29 -22.80
N ASP A 281 23.91 3.07 -22.58
CA ASP A 281 24.33 2.33 -21.39
C ASP A 281 25.82 1.99 -21.43
N THR A 282 26.41 1.98 -22.63
CA THR A 282 27.82 1.65 -22.82
C THR A 282 28.74 2.85 -22.75
N ASP A 283 28.14 4.03 -22.65
CA ASP A 283 28.85 5.27 -22.43
C ASP A 283 29.15 5.40 -20.94
N CYS A 284 30.44 5.25 -20.57
CA CYS A 284 30.76 5.24 -19.15
C CYS A 284 31.27 6.56 -18.60
N THR A 285 31.29 7.62 -19.39
CA THR A 285 31.73 8.91 -18.93
C THR A 285 30.67 10.01 -19.03
N THR A 286 29.63 9.87 -19.82
CA THR A 286 28.66 10.98 -19.89
C THR A 286 27.94 11.22 -18.57
N CYS A 287 27.64 10.13 -17.83
CA CYS A 287 27.07 10.33 -16.50
C CYS A 287 28.11 10.65 -15.44
N HIS A 288 29.40 10.43 -15.63
CA HIS A 288 30.41 10.59 -14.59
C HIS A 288 31.80 10.58 -15.26
N LYS A 289 32.45 11.74 -15.25
CA LYS A 289 33.78 11.91 -15.84
C LYS A 289 34.79 10.94 -15.24
N ALA A 290 35.70 10.40 -16.06
CA ALA A 290 36.77 9.55 -15.57
C ALA A 290 37.60 10.27 -14.51
N ALA A 291 37.98 9.57 -13.45
CA ALA A 291 38.74 10.24 -12.41
C ALA A 291 40.17 10.48 -12.90
N ALA A 292 40.83 11.47 -12.30
CA ALA A 292 42.21 11.76 -12.69
C ALA A 292 43.07 10.52 -12.52
N ALA B 1 7.42 21.05 28.34
CA ALA B 1 7.02 20.06 29.35
C ALA B 1 7.92 18.84 29.33
N ALA B 2 7.98 18.13 30.45
CA ALA B 2 8.82 16.96 30.58
C ALA B 2 7.99 15.72 30.92
N LEU B 3 8.53 14.58 30.51
CA LEU B 3 7.90 13.28 30.65
C LEU B 3 8.30 12.58 31.94
N GLU B 4 7.64 11.46 32.18
CA GLU B 4 7.89 10.67 33.37
C GLU B 4 9.32 10.14 33.37
N PRO B 5 10.09 10.44 34.41
CA PRO B 5 11.46 9.89 34.44
C PRO B 5 11.44 8.39 34.59
N THR B 6 12.46 7.75 33.99
CA THR B 6 12.48 6.30 33.98
C THR B 6 13.21 5.72 35.20
N ASP B 7 12.95 4.45 35.46
CA ASP B 7 13.73 3.71 36.46
C ASP B 7 15.15 3.40 35.98
N SER B 8 15.34 3.19 34.68
CA SER B 8 16.65 2.84 34.13
C SER B 8 17.61 4.02 34.15
N GLY B 9 17.10 5.24 34.01
CA GLY B 9 18.01 6.38 33.86
C GLY B 9 18.09 6.84 32.42
N ALA B 10 17.59 6.02 31.48
CA ALA B 10 17.59 6.49 30.09
C ALA B 10 16.64 7.69 29.97
N PRO B 11 16.79 8.53 28.98
CA PRO B 11 15.80 9.60 28.79
C PRO B 11 14.45 8.89 28.58
N SER B 12 13.38 9.49 29.11
CA SER B 12 12.05 8.91 29.04
C SER B 12 11.66 8.67 27.58
N ALA B 13 12.02 9.62 26.73
CA ALA B 13 11.80 9.42 25.28
C ALA B 13 12.97 10.08 24.56
N ILE B 14 13.30 9.53 23.39
CA ILE B 14 14.56 9.92 22.76
C ILE B 14 14.32 10.10 21.26
N VAL B 15 14.79 11.18 20.69
CA VAL B 15 14.74 11.25 19.23
C VAL B 15 15.96 10.52 18.65
N MET B 16 15.69 9.65 17.69
CA MET B 16 16.69 8.90 16.95
C MET B 16 16.81 9.44 15.55
N PHE B 17 18.04 9.77 15.17
CA PHE B 17 18.30 10.49 13.93
C PHE B 17 19.09 9.57 12.98
N PRO B 18 19.04 9.92 11.71
CA PRO B 18 19.73 9.12 10.68
C PRO B 18 21.22 9.46 10.69
N VAL B 19 21.87 8.84 11.66
CA VAL B 19 23.27 9.20 11.93
C VAL B 19 24.24 8.51 11.00
N GLY B 20 25.10 9.30 10.38
CA GLY B 20 26.18 8.76 9.56
C GLY B 20 27.25 9.81 9.31
N GLU B 21 28.26 9.45 8.53
CA GLU B 21 29.37 10.38 8.31
C GLU B 21 29.18 11.26 7.08
N LYS B 22 28.52 10.73 6.06
CA LYS B 22 28.41 11.45 4.80
C LYS B 22 27.54 12.69 4.98
N PRO B 23 27.98 13.84 4.51
CA PRO B 23 27.19 15.07 4.64
C PRO B 23 25.77 14.89 4.10
N ASN B 24 24.79 15.42 4.82
CA ASN B 24 23.39 15.38 4.36
C ASN B 24 22.78 16.74 4.64
N PRO B 25 23.28 17.78 3.97
CA PRO B 25 22.90 19.15 4.34
C PRO B 25 21.43 19.46 4.15
N LYS B 26 20.70 18.73 3.32
CA LYS B 26 19.29 18.99 3.09
C LYS B 26 18.40 18.09 3.95
N GLY B 27 19.01 17.22 4.74
CA GLY B 27 18.21 16.36 5.62
C GLY B 27 17.32 15.42 4.80
N ALA B 28 17.92 14.86 3.77
CA ALA B 28 17.26 13.84 2.93
C ALA B 28 17.22 12.59 3.79
N ALA B 29 16.00 12.30 4.23
CA ALA B 29 15.86 11.23 5.20
C ALA B 29 14.38 11.02 5.55
N MET B 30 14.12 9.93 6.23
CA MET B 30 12.80 9.77 6.88
C MET B 30 12.66 10.77 8.00
N LYS B 31 11.46 10.97 8.51
CA LYS B 31 11.36 11.74 9.77
C LYS B 31 12.07 10.96 10.87
N PRO B 32 12.72 11.68 11.78
CA PRO B 32 13.34 11.01 12.94
C PRO B 32 12.27 10.28 13.75
N VAL B 33 12.72 9.27 14.47
CA VAL B 33 11.84 8.44 15.28
C VAL B 33 11.95 8.85 16.76
N VAL B 34 10.79 9.09 17.37
CA VAL B 34 10.77 9.32 18.82
C VAL B 34 10.46 8.02 19.51
N PHE B 35 11.48 7.45 20.16
CA PHE B 35 11.31 6.18 20.87
C PHE B 35 10.96 6.44 22.35
N ASN B 36 9.89 5.79 22.76
CA ASN B 36 9.37 5.92 24.13
C ASN B 36 10.06 4.91 25.05
N HIS B 37 11.19 5.32 25.61
CA HIS B 37 11.97 4.40 26.44
C HIS B 37 11.18 3.95 27.66
N LEU B 38 10.48 4.92 28.25
CA LEU B 38 9.71 4.64 29.47
C LEU B 38 8.75 3.48 29.31
N ILE B 39 7.94 3.57 28.24
CA ILE B 39 6.96 2.52 27.98
C ILE B 39 7.66 1.21 27.66
N HIS B 40 8.79 1.27 26.94
CA HIS B 40 9.42 0.01 26.56
C HIS B 40 10.01 -0.72 27.76
N GLU B 41 10.83 0.02 28.52
CA GLU B 41 11.49 -0.70 29.63
C GLU B 41 10.50 -1.16 30.68
N LYS B 42 9.31 -0.58 30.78
CA LYS B 42 8.32 -1.09 31.73
C LYS B 42 7.77 -2.43 31.26
N LYS B 43 7.93 -2.74 29.98
CA LYS B 43 7.31 -3.94 29.42
C LYS B 43 8.34 -5.04 29.19
N ILE B 44 9.55 -4.59 28.87
CA ILE B 44 10.63 -5.51 28.51
C ILE B 44 11.67 -5.49 29.65
N ALA B 45 11.72 -6.62 30.32
CA ALA B 45 12.47 -6.93 31.52
C ALA B 45 13.98 -6.75 31.39
N ASP B 46 14.61 -7.32 30.37
CA ASP B 46 16.07 -7.31 30.34
C ASP B 46 16.65 -6.23 29.43
N CYS B 47 17.52 -5.38 29.96
CA CYS B 47 18.09 -4.29 29.19
C CYS B 47 18.79 -4.82 27.94
N GLU B 48 19.44 -5.99 28.15
CA GLU B 48 20.23 -6.59 27.10
C GLU B 48 19.42 -7.15 25.95
N THR B 49 18.13 -7.36 26.11
CA THR B 49 17.28 -7.84 25.01
C THR B 49 17.44 -6.88 23.82
N CYS B 50 17.39 -5.58 24.12
CA CYS B 50 17.66 -4.55 23.13
C CYS B 50 19.10 -4.12 23.01
N HIS B 51 19.77 -3.83 24.12
CA HIS B 51 21.15 -3.36 24.05
C HIS B 51 22.06 -4.58 24.05
N HIS B 52 21.98 -5.26 22.92
CA HIS B 52 22.48 -6.63 22.79
C HIS B 52 23.98 -6.69 23.06
N THR B 53 24.70 -5.57 22.96
CA THR B 53 26.14 -5.73 23.16
C THR B 53 26.46 -5.55 24.65
N GLY B 54 25.43 -5.25 25.44
CA GLY B 54 25.62 -5.16 26.89
C GLY B 54 25.70 -3.76 27.42
N ASP B 55 26.08 -2.79 26.60
CA ASP B 55 26.20 -1.40 27.05
C ASP B 55 25.09 -0.54 26.48
N PRO B 56 24.50 0.28 27.34
CA PRO B 56 23.35 1.10 26.90
C PRO B 56 23.86 2.36 26.22
N VAL B 57 24.22 2.17 24.95
CA VAL B 57 24.73 3.30 24.15
C VAL B 57 23.88 3.38 22.89
N SER B 58 23.83 4.51 22.20
CA SER B 58 22.90 4.57 21.05
C SER B 58 23.33 3.59 19.95
N CYS B 59 22.34 2.91 19.41
CA CYS B 59 22.52 1.90 18.38
C CYS B 59 23.39 2.47 17.27
N SER B 60 23.22 3.76 16.93
CA SER B 60 23.93 4.28 15.77
C SER B 60 25.39 4.63 16.07
N THR B 61 25.82 4.36 17.30
CA THR B 61 27.27 4.47 17.52
C THR B 61 27.92 3.32 16.76
N CYS B 62 27.15 2.25 16.58
CA CYS B 62 27.73 1.17 15.77
C CYS B 62 27.05 1.01 14.42
N HIS B 63 25.74 1.28 14.41
CA HIS B 63 24.92 1.06 13.21
C HIS B 63 24.60 2.41 12.57
N THR B 64 25.55 2.88 11.77
CA THR B 64 25.40 4.14 11.05
C THR B 64 24.64 3.86 9.76
N VAL B 65 24.23 4.94 9.09
CA VAL B 65 23.44 4.76 7.90
C VAL B 65 24.23 3.94 6.87
N GLU B 66 25.50 4.25 6.71
CA GLU B 66 26.31 3.52 5.72
C GLU B 66 26.83 2.20 6.25
N GLY B 67 26.90 2.06 7.56
CA GLY B 67 27.43 0.85 8.18
C GLY B 67 28.93 0.99 8.44
N LYS B 68 29.41 0.22 9.41
CA LYS B 68 30.84 0.26 9.74
C LYS B 68 31.23 -0.92 10.59
N ALA B 69 32.55 -1.18 10.66
CA ALA B 69 32.98 -2.45 11.28
C ALA B 69 32.47 -2.68 12.69
N GLU B 70 32.33 -1.61 13.47
CA GLU B 70 31.87 -1.79 14.86
C GLU B 70 30.46 -2.32 14.94
N GLY B 71 29.68 -2.19 13.85
CA GLY B 71 28.40 -2.87 13.81
C GLY B 71 28.43 -4.06 12.87
N ASP B 72 29.61 -4.58 12.55
CA ASP B 72 29.74 -5.67 11.59
C ASP B 72 29.07 -5.24 10.26
N TYR B 73 29.19 -3.97 9.96
CA TYR B 73 28.65 -3.32 8.76
C TYR B 73 27.14 -3.40 8.61
N ILE B 74 26.47 -3.76 9.68
CA ILE B 74 25.01 -3.83 9.69
C ILE B 74 24.55 -2.39 9.83
N THR B 75 23.80 -1.90 8.84
CA THR B 75 23.48 -0.48 8.79
C THR B 75 22.38 -0.10 9.77
N LEU B 76 22.15 1.20 9.89
CA LEU B 76 21.04 1.69 10.72
C LEU B 76 19.72 1.15 10.19
N ASP B 77 19.52 1.14 8.86
CA ASP B 77 18.27 0.60 8.29
C ASP B 77 18.11 -0.87 8.66
N ARG B 78 19.20 -1.68 8.55
CA ARG B 78 18.99 -3.10 8.88
C ARG B 78 18.74 -3.28 10.38
N ALA B 79 19.49 -2.57 11.22
CA ALA B 79 19.32 -2.74 12.67
C ALA B 79 17.94 -2.37 13.17
N MET B 80 17.25 -1.41 12.53
CA MET B 80 15.95 -0.97 13.03
C MET B 80 14.82 -1.77 12.46
N HIS B 81 14.94 -2.36 11.26
CA HIS B 81 13.78 -2.95 10.63
C HIS B 81 13.99 -4.42 10.28
N ALA B 82 15.17 -4.95 10.57
CA ALA B 82 15.38 -6.35 10.18
C ALA B 82 14.32 -7.32 10.63
N THR B 83 13.86 -8.17 9.70
CA THR B 83 12.81 -9.10 10.08
C THR B 83 13.30 -10.54 10.20
N ASP B 84 14.38 -10.90 9.51
CA ASP B 84 14.72 -12.33 9.54
C ASP B 84 16.08 -12.51 10.20
N ILE B 85 16.06 -12.39 11.53
CA ILE B 85 17.33 -12.33 12.24
C ILE B 85 17.77 -13.71 12.73
N ALA B 86 19.02 -14.05 12.42
CA ALA B 86 19.48 -15.37 12.82
C ALA B 86 19.67 -15.49 14.33
N ALA B 87 19.22 -16.59 14.88
CA ALA B 87 19.47 -16.87 16.29
C ALA B 87 20.98 -17.03 16.49
N ARG B 88 21.55 -16.31 17.45
CA ARG B 88 22.99 -16.37 17.72
C ARG B 88 23.27 -17.47 18.75
N ALA B 89 24.19 -18.37 18.47
CA ALA B 89 24.45 -19.48 19.40
C ALA B 89 25.26 -19.00 20.60
N LYS B 90 26.04 -17.94 20.37
CA LYS B 90 26.82 -17.25 21.38
C LYS B 90 26.26 -15.86 21.68
N GLY B 91 25.88 -15.63 22.94
CA GLY B 91 25.37 -14.36 23.41
C GLY B 91 23.93 -14.01 23.07
N ASN B 92 23.66 -12.70 23.11
CA ASN B 92 22.30 -12.20 22.89
C ASN B 92 22.02 -12.12 21.38
N THR B 93 20.94 -12.72 20.91
CA THR B 93 20.49 -12.51 19.54
C THR B 93 19.87 -11.11 19.43
N PRO B 94 20.39 -10.24 18.60
CA PRO B 94 19.87 -8.86 18.56
C PRO B 94 18.39 -8.86 18.17
N THR B 95 17.73 -7.74 18.49
CA THR B 95 16.36 -7.52 17.99
C THR B 95 16.37 -6.15 17.27
N SER B 96 15.44 -6.07 16.34
CA SER B 96 15.10 -4.79 15.76
C SER B 96 13.71 -4.36 16.26
N CYS B 97 13.43 -3.08 15.96
CA CYS B 97 12.09 -2.58 16.26
C CYS B 97 11.04 -3.50 15.64
N VAL B 98 11.21 -3.72 14.33
CA VAL B 98 10.18 -4.46 13.62
C VAL B 98 10.13 -5.89 14.11
N SER B 99 11.30 -6.50 14.32
CA SER B 99 11.26 -7.93 14.62
C SER B 99 10.60 -8.18 15.96
N CYS B 100 10.88 -7.34 16.97
CA CYS B 100 10.23 -7.65 18.25
C CYS B 100 8.73 -7.45 18.17
N HIS B 101 8.32 -6.34 17.55
CA HIS B 101 6.89 -6.11 17.37
C HIS B 101 6.22 -7.28 16.64
N GLN B 102 6.85 -7.82 15.58
CA GLN B 102 6.27 -8.96 14.89
C GLN B 102 6.20 -10.16 15.85
N SER B 103 7.22 -10.30 16.70
CA SER B 103 7.19 -11.41 17.64
C SER B 103 5.98 -11.27 18.56
N GLU B 104 5.73 -10.05 19.01
CA GLU B 104 4.52 -9.86 19.81
C GLU B 104 3.26 -10.38 19.11
N THR B 105 3.09 -10.11 17.80
CA THR B 105 1.84 -10.52 17.14
C THR B 105 1.73 -12.04 17.03
N LYS B 106 2.88 -12.70 17.06
CA LYS B 106 2.92 -14.14 16.85
C LYS B 106 2.83 -14.95 18.14
N GLU B 107 3.44 -14.46 19.20
CA GLU B 107 3.66 -15.27 20.40
C GLU B 107 2.61 -15.02 21.46
N ARG B 108 1.79 -13.99 21.22
CA ARG B 108 0.71 -13.67 22.14
C ARG B 108 -0.63 -14.09 21.59
N ARG B 109 -1.31 -14.98 22.32
CA ARG B 109 -2.56 -15.53 21.79
C ARG B 109 -3.57 -14.43 21.45
N GLU B 110 -3.65 -13.32 22.19
CA GLU B 110 -4.70 -12.36 21.81
C GLU B 110 -4.36 -11.65 20.49
N CYS B 111 -3.10 -11.74 20.06
CA CYS B 111 -2.74 -11.07 18.80
C CYS B 111 -2.68 -12.10 17.66
N ALA B 112 -2.30 -13.32 18.01
CA ALA B 112 -1.96 -14.34 17.02
C ALA B 112 -3.09 -14.89 16.18
N GLY B 113 -4.34 -14.68 16.56
CA GLY B 113 -5.43 -15.18 15.69
C GLY B 113 -5.53 -14.29 14.46
N CYS B 114 -5.82 -13.01 14.67
CA CYS B 114 -5.89 -12.10 13.51
C CYS B 114 -4.57 -12.09 12.75
N HIS B 115 -3.47 -12.01 13.50
CA HIS B 115 -2.14 -12.03 12.89
C HIS B 115 -1.74 -13.33 12.27
N ALA B 116 -2.58 -14.36 12.34
CA ALA B 116 -2.37 -15.55 11.55
C ALA B 116 -2.93 -15.34 10.15
N ILE B 117 -3.80 -14.36 9.95
N ILE B 117 -3.83 -14.39 10.00
CA ILE B 117 -4.47 -14.23 8.66
CA ILE B 117 -4.53 -14.22 8.73
C ILE B 117 -4.51 -12.82 8.07
C ILE B 117 -4.22 -12.92 8.02
N THR B 118 -3.88 -11.84 8.69
N THR B 118 -3.43 -12.04 8.64
CA THR B 118 -3.92 -10.47 8.17
CA THR B 118 -3.03 -10.83 7.91
C THR B 118 -3.09 -10.39 6.87
C THR B 118 -1.53 -10.78 7.73
N THR B 119 -3.41 -9.37 6.07
N THR B 119 -1.02 -10.14 6.67
CA THR B 119 -2.69 -9.09 4.83
CA THR B 119 0.42 -9.91 6.61
C THR B 119 -1.68 -8.00 5.16
C THR B 119 0.67 -8.43 6.88
N PRO B 120 -0.43 -8.40 5.33
N PRO B 120 1.83 -8.00 7.36
CA PRO B 120 0.63 -7.49 5.81
CA PRO B 120 2.04 -6.56 7.53
C PRO B 120 0.66 -6.18 5.07
C PRO B 120 1.86 -5.82 6.20
N LYS B 121 0.89 -5.09 5.83
N LYS B 121 1.00 -4.82 6.17
CA LYS B 121 0.82 -3.84 5.09
C LYS B 121 1.73 -2.68 5.53
N ASP B 122 2.89 -2.66 4.90
CA ASP B 122 3.97 -1.75 5.30
C ASP B 122 3.89 -0.47 4.49
N ASP B 123 2.76 0.20 4.62
CA ASP B 123 2.51 1.45 3.87
C ASP B 123 2.92 2.68 4.67
N GLU B 124 2.64 3.87 4.13
CA GLU B 124 3.13 5.09 4.76
C GLU B 124 2.68 5.20 6.21
N ALA B 125 1.45 4.75 6.47
CA ALA B 125 0.89 4.93 7.81
C ALA B 125 1.63 4.02 8.78
N TRP B 126 2.10 2.88 8.28
CA TRP B 126 2.96 2.00 9.11
C TRP B 126 4.29 2.68 9.41
N CYS B 127 4.98 3.16 8.35
CA CYS B 127 6.22 3.88 8.58
C CYS B 127 6.03 5.02 9.59
N ALA B 128 4.96 5.78 9.42
CA ALA B 128 4.78 7.01 10.23
C ALA B 128 4.47 6.70 11.68
N THR B 129 4.14 5.45 11.97
CA THR B 129 3.89 5.08 13.37
C THR B 129 5.16 5.30 14.18
N CYS B 130 6.30 4.98 13.56
CA CYS B 130 7.58 5.30 14.19
C CYS B 130 8.23 6.60 13.72
N HIS B 131 8.22 6.86 12.42
CA HIS B 131 8.87 8.07 11.88
C HIS B 131 7.87 9.22 12.05
N ASP B 132 7.94 9.76 13.27
CA ASP B 132 6.82 10.41 13.93
C ASP B 132 7.14 11.78 14.54
N ILE B 133 8.23 12.41 14.22
CA ILE B 133 8.67 13.69 14.82
C ILE B 133 7.72 14.86 14.81
N THR B 134 7.75 15.67 15.88
CA THR B 134 7.02 16.93 15.96
C THR B 134 7.39 17.83 14.77
N PRO B 135 6.34 18.44 14.21
CA PRO B 135 6.53 19.45 13.16
C PRO B 135 7.40 20.61 13.61
N SER B 136 7.53 20.83 14.92
CA SER B 136 8.37 21.90 15.41
C SER B 136 9.86 21.66 15.21
N MET B 137 10.30 20.42 14.94
CA MET B 137 11.76 20.33 14.76
C MET B 137 12.18 21.13 13.53
N THR B 138 13.23 21.95 13.62
CA THR B 138 13.66 22.74 12.47
C THR B 138 14.77 22.04 11.70
N PRO B 139 15.02 22.41 10.45
CA PRO B 139 16.11 21.78 9.69
C PRO B 139 17.42 21.88 10.43
N SER B 140 17.65 23.00 11.14
CA SER B 140 18.88 23.12 11.90
C SER B 140 18.98 22.05 12.97
N GLU B 141 17.89 21.73 13.68
CA GLU B 141 17.97 20.70 14.71
C GLU B 141 18.21 19.34 14.11
N MET B 142 17.57 19.13 12.95
CA MET B 142 17.76 17.85 12.25
C MET B 142 19.24 17.69 11.93
N GLN B 143 19.86 18.76 11.41
CA GLN B 143 21.29 18.72 11.15
C GLN B 143 22.10 18.37 12.40
N LYS B 144 21.81 18.99 13.54
CA LYS B 144 22.54 18.67 14.77
C LYS B 144 22.27 17.27 15.29
N GLY B 145 21.05 16.77 15.05
CA GLY B 145 20.80 15.38 15.45
C GLY B 145 21.60 14.39 14.62
N ILE B 146 21.67 14.63 13.32
CA ILE B 146 22.44 13.80 12.40
C ILE B 146 23.93 13.82 12.73
N ALA B 147 24.43 15.01 13.05
CA ALA B 147 25.84 15.21 13.35
C ALA B 147 26.17 14.88 14.80
N GLY B 148 25.18 14.61 15.65
CA GLY B 148 25.38 14.14 17.00
C GLY B 148 25.75 15.29 17.94
N THR B 149 25.47 16.51 17.51
CA THR B 149 25.75 17.69 18.32
C THR B 149 24.49 18.31 18.88
N LEU B 150 23.35 17.64 18.69
CA LEU B 150 22.12 18.16 19.33
C LEU B 150 22.27 18.04 20.83
N LEU B 151 22.00 19.12 21.57
CA LEU B 151 22.11 19.02 23.03
C LEU B 151 21.13 17.98 23.57
N PRO B 152 21.52 17.13 24.50
CA PRO B 152 20.58 16.22 25.15
C PRO B 152 19.30 16.90 25.63
N GLY B 153 19.35 18.15 26.11
CA GLY B 153 18.11 18.75 26.57
C GLY B 153 17.23 19.09 25.40
N ASP B 154 17.89 19.33 24.26
CA ASP B 154 17.12 19.69 23.07
C ASP B 154 16.45 18.43 22.49
N ASN B 155 17.23 17.36 22.43
CA ASN B 155 16.65 16.05 22.08
C ASN B 155 15.43 15.81 22.97
N GLU B 156 15.62 15.89 24.30
CA GLU B 156 14.52 15.65 25.22
C GLU B 156 13.30 16.52 24.94
N ALA B 157 13.54 17.82 24.73
CA ALA B 157 12.43 18.74 24.48
C ALA B 157 11.63 18.31 23.24
N LEU B 158 12.34 17.96 22.18
CA LEU B 158 11.69 17.50 20.95
C LEU B 158 10.92 16.21 21.20
N ALA B 159 11.50 15.26 21.91
CA ALA B 159 10.80 14.00 22.15
C ALA B 159 9.56 14.25 23.02
N ALA B 160 9.72 15.09 24.04
CA ALA B 160 8.53 15.34 24.87
C ALA B 160 7.43 16.02 24.08
N GLU B 161 7.75 17.02 23.25
CA GLU B 161 6.70 17.67 22.48
C GLU B 161 5.98 16.68 21.56
N THR B 162 6.81 15.80 20.97
CA THR B 162 6.22 14.77 20.09
C THR B 162 5.28 13.86 20.84
N VAL B 163 5.76 13.28 21.94
CA VAL B 163 4.96 12.34 22.69
C VAL B 163 3.69 13.01 23.22
N LEU B 164 3.80 14.27 23.63
CA LEU B 164 2.63 14.93 24.21
C LEU B 164 1.65 15.38 23.14
N ALA B 165 1.99 15.26 21.86
CA ALA B 165 1.05 15.57 20.80
C ALA B 165 0.49 14.28 20.18
N GLU B 166 0.96 13.11 20.61
CA GLU B 166 0.48 11.86 20.06
C GLU B 166 -1.01 11.61 20.27
N ALA B 167 -1.58 11.06 19.21
CA ALA B 167 -3.00 10.76 19.05
C ALA B 167 -3.16 9.26 18.77
N THR B 168 -4.06 8.63 19.49
CA THR B 168 -4.47 7.23 19.29
C THR B 168 -5.80 7.20 18.52
N VAL B 169 -5.86 6.44 17.44
CA VAL B 169 -7.12 6.39 16.65
C VAL B 169 -8.03 5.41 17.34
N ALA B 170 -9.31 5.71 17.57
CA ALA B 170 -10.14 4.69 18.22
C ALA B 170 -10.79 3.80 17.17
N PRO B 171 -10.78 2.50 17.36
CA PRO B 171 -11.37 1.60 16.35
C PRO B 171 -12.88 1.76 16.35
N VAL B 172 -13.48 1.70 15.15
CA VAL B 172 -14.94 1.85 15.11
C VAL B 172 -15.57 0.78 15.99
N SER B 173 -16.70 1.13 16.60
CA SER B 173 -17.51 0.22 17.36
C SER B 173 -18.03 -0.93 16.48
N PRO B 174 -17.99 -2.16 16.98
CA PRO B 174 -18.62 -3.31 16.33
C PRO B 174 -20.14 -3.17 16.20
N MET B 175 -20.71 -2.19 16.90
CA MET B 175 -22.13 -1.88 16.71
C MET B 175 -22.39 -1.24 15.35
N LEU B 176 -21.37 -0.77 14.66
CA LEU B 176 -21.51 -0.18 13.34
C LEU B 176 -21.37 -1.22 12.23
N ALA B 177 -21.14 -2.47 12.61
CA ALA B 177 -20.99 -3.60 11.67
C ALA B 177 -22.07 -4.63 11.96
N PRO B 178 -22.33 -5.61 11.09
CA PRO B 178 -23.50 -6.47 11.33
C PRO B 178 -23.46 -7.24 12.62
N TYR B 179 -24.62 -7.46 13.24
CA TYR B 179 -24.73 -8.30 14.44
C TYR B 179 -24.35 -9.74 14.12
N LYS B 180 -25.03 -10.32 13.14
CA LYS B 180 -24.75 -11.63 12.58
C LYS B 180 -24.80 -11.53 11.06
N VAL B 181 -24.11 -12.46 10.39
CA VAL B 181 -24.23 -12.53 8.93
C VAL B 181 -24.58 -13.97 8.57
N VAL B 182 -25.63 -14.11 7.77
CA VAL B 182 -25.93 -15.44 7.21
C VAL B 182 -25.02 -15.65 6.00
N ILE B 183 -24.00 -16.49 6.20
CA ILE B 183 -23.06 -16.75 5.11
C ILE B 183 -23.61 -17.89 4.26
N ASP B 184 -24.25 -17.51 3.15
CA ASP B 184 -24.96 -18.51 2.37
C ASP B 184 -24.53 -18.54 0.91
N ALA B 185 -23.41 -17.88 0.63
CA ALA B 185 -22.93 -17.78 -0.74
C ALA B 185 -22.85 -19.13 -1.43
N LEU B 186 -22.47 -20.16 -0.68
CA LEU B 186 -22.21 -21.47 -1.27
C LEU B 186 -23.21 -22.54 -0.82
N ALA B 187 -24.28 -22.18 -0.13
CA ALA B 187 -25.10 -23.16 0.58
C ALA B 187 -25.55 -24.30 -0.32
N ASP B 188 -25.29 -25.54 0.08
CA ASP B 188 -25.50 -26.70 -0.77
C ASP B 188 -25.54 -27.95 0.12
N LYS B 189 -24.37 -28.42 0.55
CA LYS B 189 -24.35 -29.61 1.38
C LYS B 189 -24.74 -29.26 2.82
N TYR B 190 -24.41 -28.04 3.24
CA TYR B 190 -24.74 -27.61 4.59
C TYR B 190 -25.69 -26.42 4.55
N GLU B 191 -26.24 -26.14 5.74
CA GLU B 191 -27.02 -24.91 5.87
CA GLU B 191 -27.02 -24.91 5.87
C GLU B 191 -26.03 -23.74 5.78
N PRO B 192 -26.52 -22.54 5.59
CA PRO B 192 -25.63 -21.35 5.74
C PRO B 192 -24.97 -21.37 7.12
N SER B 193 -23.82 -20.70 7.21
CA SER B 193 -23.12 -20.50 8.47
C SER B 193 -23.60 -19.17 9.08
N ASP B 194 -24.25 -19.22 10.25
CA ASP B 194 -24.77 -17.97 10.81
C ASP B 194 -23.68 -17.39 11.70
N PHE B 195 -22.79 -16.64 11.05
CA PHE B 195 -21.60 -16.13 11.71
C PHE B 195 -21.94 -15.02 12.72
N THR B 196 -21.41 -15.19 13.92
CA THR B 196 -21.57 -14.24 15.02
C THR B 196 -20.60 -13.06 14.83
N HIS B 197 -20.85 -12.29 13.78
CA HIS B 197 -19.92 -11.22 13.37
C HIS B 197 -19.57 -10.28 14.51
N ARG B 198 -20.58 -9.69 15.15
CA ARG B 198 -20.35 -8.72 16.23
C ARG B 198 -19.72 -9.32 17.45
N ARG B 199 -20.18 -10.51 17.83
CA ARG B 199 -19.53 -11.17 18.96
C ARG B 199 -18.06 -11.45 18.72
N HIS B 200 -17.71 -11.92 17.51
CA HIS B 200 -16.31 -12.14 17.15
C HIS B 200 -15.47 -10.86 17.29
N LEU B 201 -15.89 -9.79 16.62
CA LEU B 201 -15.10 -8.56 16.59
C LEU B 201 -14.94 -8.00 18.01
N THR B 202 -16.10 -8.03 18.69
CA THR B 202 -16.14 -7.45 20.03
C THR B 202 -15.15 -8.17 20.93
N SER B 203 -15.15 -9.49 20.87
CA SER B 203 -14.26 -10.34 21.65
C SER B 203 -12.79 -10.11 21.32
N LEU B 204 -12.48 -10.05 20.02
CA LEU B 204 -11.11 -9.82 19.60
C LEU B 204 -10.60 -8.48 20.07
N MET B 205 -11.45 -7.46 19.98
CA MET B 205 -11.14 -6.10 20.38
C MET B 205 -10.99 -5.98 21.90
N GLU B 206 -11.87 -6.66 22.64
CA GLU B 206 -11.80 -6.61 24.11
CA GLU B 206 -11.78 -6.56 24.11
C GLU B 206 -10.41 -6.98 24.62
N SER B 207 -9.84 -8.03 24.04
CA SER B 207 -8.60 -8.58 24.51
C SER B 207 -7.37 -7.73 24.21
N ILE B 208 -7.50 -6.67 23.43
CA ILE B 208 -6.35 -5.84 23.07
C ILE B 208 -6.61 -4.39 23.36
N LYS B 209 -7.72 -4.15 24.08
CA LYS B 209 -8.20 -2.78 24.25
C LYS B 209 -7.18 -1.88 24.95
N ASP B 210 -6.25 -2.45 25.70
CA ASP B 210 -5.32 -1.52 26.37
C ASP B 210 -3.89 -1.68 25.87
N ASP B 211 -3.70 -2.41 24.79
CA ASP B 211 -2.35 -2.72 24.34
C ASP B 211 -1.75 -1.56 23.55
N LYS B 212 -0.66 -0.99 24.05
CA LYS B 212 -0.16 0.22 23.42
C LYS B 212 0.45 -0.06 22.05
N LEU B 213 1.00 -1.25 21.83
CA LEU B 213 1.63 -1.51 20.52
C LEU B 213 0.54 -1.70 19.49
N ALA B 214 -0.45 -2.54 19.81
CA ALA B 214 -1.59 -2.66 18.90
C ALA B 214 -2.24 -1.30 18.71
N GLN B 215 -2.38 -0.52 19.78
CA GLN B 215 -3.05 0.77 19.55
C GLN B 215 -2.30 1.66 18.58
N ALA B 216 -0.98 1.64 18.58
CA ALA B 216 -0.24 2.53 17.71
C ALA B 216 -0.37 2.13 16.25
N PHE B 217 -0.27 0.83 15.99
CA PHE B 217 -0.25 0.32 14.63
C PHE B 217 -1.64 0.12 14.03
N HIS B 218 -2.64 -0.09 14.86
CA HIS B 218 -4.04 -0.19 14.35
C HIS B 218 -4.54 1.24 14.22
N ASP B 219 -4.05 1.94 13.19
CA ASP B 219 -4.08 3.39 13.18
C ASP B 219 -5.06 4.02 12.20
N LYS B 220 -6.05 3.31 11.74
CA LYS B 220 -7.22 3.83 11.05
C LYS B 220 -8.46 3.27 11.76
N PRO B 221 -9.50 4.07 11.94
CA PRO B 221 -10.70 3.60 12.63
C PRO B 221 -11.27 2.27 12.17
N GLU B 222 -11.27 2.01 10.85
CA GLU B 222 -11.81 0.75 10.34
C GLU B 222 -10.74 -0.28 10.03
N ILE B 223 -9.53 -0.08 10.58
CA ILE B 223 -8.48 -1.03 10.17
C ILE B 223 -8.76 -2.46 10.59
N LEU B 224 -9.45 -2.68 11.71
CA LEU B 224 -9.58 -4.06 12.17
C LEU B 224 -10.52 -4.83 11.24
N CYS B 225 -11.39 -4.08 10.56
CA CYS B 225 -12.26 -4.74 9.59
C CYS B 225 -11.43 -5.45 8.50
N ALA B 226 -10.24 -4.91 8.23
CA ALA B 226 -9.37 -5.42 7.17
C ALA B 226 -8.78 -6.77 7.51
N THR B 227 -8.87 -7.16 8.78
CA THR B 227 -8.36 -8.50 9.17
C THR B 227 -8.99 -9.54 8.26
N CYS B 228 -10.29 -9.37 8.02
CA CYS B 228 -11.04 -10.31 7.20
C CYS B 228 -11.40 -9.72 5.85
N HIS B 229 -11.81 -8.47 5.85
CA HIS B 229 -12.20 -7.79 4.60
C HIS B 229 -10.94 -7.16 4.02
N HIS B 230 -10.06 -8.02 3.49
CA HIS B 230 -8.76 -7.49 3.07
C HIS B 230 -8.78 -6.99 1.63
N ARG B 231 -7.70 -6.31 1.25
CA ARG B 231 -7.40 -5.96 -0.13
C ARG B 231 -8.48 -5.09 -0.77
N SER B 232 -9.15 -4.29 0.04
CA SER B 232 -10.10 -3.29 -0.45
C SER B 232 -10.09 -2.10 0.50
N PRO B 233 -10.51 -0.94 -0.01
CA PRO B 233 -10.46 0.26 0.83
C PRO B 233 -11.24 0.05 2.13
N LEU B 234 -10.73 0.58 3.22
CA LEU B 234 -11.47 0.54 4.49
C LEU B 234 -12.85 1.16 4.30
N SER B 235 -13.85 0.44 4.80
CA SER B 235 -15.22 0.77 4.47
C SER B 235 -16.15 0.11 5.48
N LEU B 236 -17.30 0.73 5.73
CA LEU B 236 -18.26 0.06 6.61
C LEU B 236 -19.04 -0.99 5.82
N THR B 237 -18.90 -1.00 4.49
CA THR B 237 -19.67 -1.91 3.64
C THR B 237 -18.75 -2.51 2.57
N PRO B 238 -17.80 -3.32 3.00
CA PRO B 238 -16.84 -3.87 2.06
C PRO B 238 -17.49 -4.89 1.12
N PRO B 239 -16.78 -5.16 0.01
CA PRO B 239 -17.31 -6.12 -0.95
C PRO B 239 -17.43 -7.50 -0.32
N LYS B 240 -18.29 -8.32 -0.91
CA LYS B 240 -18.39 -9.71 -0.47
C LYS B 240 -17.15 -10.47 -0.90
N CYS B 241 -16.76 -11.45 -0.08
CA CYS B 241 -15.66 -12.33 -0.37
C CYS B 241 -15.79 -12.88 -1.80
N GLY B 242 -17.02 -13.23 -2.16
CA GLY B 242 -17.28 -13.87 -3.44
C GLY B 242 -17.22 -12.92 -4.63
N SER B 243 -17.04 -11.63 -4.35
CA SER B 243 -16.82 -10.71 -5.46
C SER B 243 -15.42 -10.91 -6.02
N CYS B 244 -14.49 -11.38 -5.17
CA CYS B 244 -13.14 -11.64 -5.67
C CYS B 244 -12.82 -13.12 -5.72
N HIS B 245 -13.52 -13.88 -4.88
CA HIS B 245 -13.10 -15.30 -4.74
C HIS B 245 -14.10 -16.14 -5.50
N THR B 246 -13.68 -16.78 -6.59
CA THR B 246 -14.71 -17.47 -7.41
C THR B 246 -15.07 -18.82 -6.82
N LYS B 247 -16.20 -19.41 -7.22
CA LYS B 247 -16.63 -20.65 -6.63
C LYS B 247 -15.68 -21.81 -6.91
N GLU B 248 -15.19 -21.82 -8.15
CA GLU B 248 -14.17 -22.80 -8.55
C GLU B 248 -12.84 -22.08 -8.72
N ILE B 249 -11.76 -22.84 -8.61
CA ILE B 249 -10.41 -22.33 -8.83
C ILE B 249 -10.35 -21.59 -10.17
N ASP B 250 -9.78 -20.40 -10.20
CA ASP B 250 -9.68 -19.77 -11.52
C ASP B 250 -8.20 -19.91 -11.96
N ALA B 251 -8.07 -20.59 -13.07
CA ALA B 251 -6.75 -20.76 -13.67
C ALA B 251 -6.11 -19.41 -14.00
N ALA B 252 -6.89 -18.35 -14.15
CA ALA B 252 -6.28 -17.03 -14.41
C ALA B 252 -5.62 -16.45 -13.17
N ASP B 253 -6.07 -16.90 -12.00
CA ASP B 253 -5.52 -16.49 -10.72
C ASP B 253 -5.31 -17.73 -9.85
N PRO B 254 -4.44 -18.65 -10.24
CA PRO B 254 -4.27 -19.94 -9.58
C PRO B 254 -3.79 -19.92 -8.13
N GLY B 255 -3.27 -18.83 -7.62
CA GLY B 255 -2.99 -18.77 -6.19
C GLY B 255 -4.09 -18.10 -5.40
N ARG B 256 -5.17 -17.68 -6.07
CA ARG B 256 -6.24 -17.06 -5.27
C ARG B 256 -7.19 -18.16 -4.82
N PRO B 257 -7.44 -18.37 -3.53
CA PRO B 257 -8.31 -19.50 -3.18
C PRO B 257 -9.69 -19.35 -3.78
N ASN B 258 -10.37 -20.49 -3.96
CA ASN B 258 -11.75 -20.35 -4.35
C ASN B 258 -12.53 -19.98 -3.09
N LEU B 259 -13.82 -19.73 -3.24
CA LEU B 259 -14.61 -19.15 -2.16
C LEU B 259 -14.64 -20.06 -0.95
N MET B 260 -14.71 -21.38 -1.18
CA MET B 260 -14.83 -22.25 -0.02
C MET B 260 -13.54 -22.22 0.79
N ALA B 261 -12.43 -22.26 0.04
CA ALA B 261 -11.15 -22.25 0.72
C ALA B 261 -10.93 -20.87 1.35
N ALA B 262 -11.50 -19.82 0.75
CA ALA B 262 -11.35 -18.49 1.34
C ALA B 262 -11.93 -18.47 2.74
N TYR B 263 -13.19 -18.89 2.86
CA TYR B 263 -13.82 -19.00 4.17
C TYR B 263 -13.03 -19.91 5.10
N HIS B 264 -12.79 -21.15 4.67
CA HIS B 264 -12.13 -22.09 5.55
C HIS B 264 -10.77 -21.58 6.02
N LEU B 265 -9.92 -21.15 5.08
CA LEU B 265 -8.59 -20.69 5.46
C LEU B 265 -8.65 -19.53 6.46
N GLU B 266 -9.59 -18.62 6.26
CA GLU B 266 -9.68 -17.45 7.14
C GLU B 266 -10.23 -17.85 8.51
N CYS B 267 -11.40 -18.48 8.50
CA CYS B 267 -12.04 -18.88 9.75
C CYS B 267 -11.13 -19.82 10.55
N MET B 268 -10.66 -20.89 9.93
CA MET B 268 -9.86 -21.87 10.68
C MET B 268 -8.49 -21.30 10.98
N GLY B 269 -8.04 -20.41 10.10
CA GLY B 269 -6.71 -19.84 10.30
C GLY B 269 -6.62 -19.08 11.59
N CYS B 270 -7.61 -18.20 11.81
CA CYS B 270 -7.51 -17.49 13.09
C CYS B 270 -7.71 -18.46 14.28
N HIS B 271 -8.70 -19.33 14.18
CA HIS B 271 -8.98 -20.30 15.23
C HIS B 271 -7.71 -21.05 15.62
N LYS B 272 -6.97 -21.51 14.60
CA LYS B 272 -5.73 -22.21 14.91
C LYS B 272 -4.73 -21.26 15.53
N GLY B 273 -4.63 -20.07 14.92
CA GLY B 273 -3.69 -19.09 15.43
C GLY B 273 -3.88 -18.77 16.90
N MET B 274 -5.13 -18.67 17.35
CA MET B 274 -5.28 -18.26 18.75
C MET B 274 -5.80 -19.41 19.60
N ALA B 275 -5.49 -20.63 19.20
CA ALA B 275 -5.79 -21.81 20.01
C ALA B 275 -7.24 -21.88 20.44
N VAL B 276 -8.15 -21.78 19.49
CA VAL B 276 -9.58 -21.88 19.80
C VAL B 276 -9.92 -23.36 19.94
N ALA B 277 -10.47 -23.77 21.08
CA ALA B 277 -10.74 -25.17 21.36
C ALA B 277 -11.78 -25.76 20.43
N ARG B 278 -12.88 -25.04 20.27
CA ARG B 278 -13.97 -25.47 19.40
C ARG B 278 -14.55 -24.24 18.69
N PRO B 279 -14.87 -24.33 17.41
CA PRO B 279 -14.79 -25.54 16.60
C PRO B 279 -13.38 -25.95 16.20
N ARG B 280 -13.09 -27.26 16.23
CA ARG B 280 -11.85 -27.68 15.55
C ARG B 280 -12.11 -27.57 14.04
N ASP B 281 -11.05 -27.67 13.25
CA ASP B 281 -11.30 -27.61 11.79
C ASP B 281 -12.10 -28.81 11.32
N THR B 282 -12.17 -29.88 12.14
CA THR B 282 -12.97 -31.06 11.80
C THR B 282 -14.38 -31.01 12.36
N ASP B 283 -14.73 -29.95 13.09
CA ASP B 283 -16.07 -29.78 13.64
C ASP B 283 -16.90 -29.01 12.61
N CYS B 284 -17.06 -29.64 11.43
CA CYS B 284 -17.78 -29.07 10.31
C CYS B 284 -19.16 -28.53 10.72
N THR B 285 -19.98 -29.37 11.38
CA THR B 285 -21.35 -28.99 11.63
C THR B 285 -21.45 -27.84 12.63
N THR B 286 -20.36 -27.55 13.33
CA THR B 286 -20.36 -26.47 14.32
C THR B 286 -20.45 -25.12 13.63
N CYS B 287 -19.82 -25.05 12.44
CA CYS B 287 -19.90 -23.81 11.68
C CYS B 287 -21.05 -23.77 10.71
N HIS B 288 -21.46 -24.96 10.24
CA HIS B 288 -22.60 -25.00 9.32
C HIS B 288 -23.29 -26.35 9.48
N LYS B 289 -24.55 -26.33 9.92
CA LYS B 289 -25.18 -27.63 10.17
C LYS B 289 -25.45 -28.34 8.85
N ALA B 290 -25.49 -29.66 8.89
CA ALA B 290 -25.81 -30.41 7.67
C ALA B 290 -27.20 -29.96 7.17
N ALA B 291 -27.32 -29.92 5.85
CA ALA B 291 -28.55 -29.51 5.18
C ALA B 291 -29.61 -30.59 5.41
N ALA B 292 -30.85 -30.19 5.67
CA ALA B 292 -31.87 -31.22 5.87
C ALA B 292 -32.24 -31.83 4.52
#